data_1ON6
#
_entry.id   1ON6
#
_cell.length_a   126.064
_cell.length_b   126.064
_cell.length_c   83.936
_cell.angle_alpha   90.00
_cell.angle_beta   90.00
_cell.angle_gamma   90.00
#
_symmetry.space_group_name_H-M   'P 4 21 2'
#
loop_
_entity.id
_entity.type
_entity.pdbx_description
1 polymer 'Alpha-1,4-N-acetylhexosaminyltransferase EXTL2'
2 non-polymer 'MANGANESE (II) ION'
3 non-polymer URIDINE-DIPHOSPHATE-N-ACETYLGLUCOSAMINE
4 non-polymer 1,2-ETHANEDIOL
5 water water
#
_entity_poly.entity_id   1
_entity_poly.type   'polypeptide(L)'
_entity_poly.pdbx_seq_one_letter_code
;TNLLPNIKEDKMLTLRREIKSPSKSALDSFTLIMQTYNRTDLLLRLLNHYQAVPSLHKVIVVWNNVGEKGPEELWNSLGP
HPIPVIFKPQTANKMRNRLQVFPEVETNAVLMVDDDTLISAQDLVFAFSIWQQFPDQIIGFVPRKHVSTSSGIYSYGGFE
LQTPGPGNGDQYSMVLIGASFFNSKYLELFQKQPAAVHALIDETQNCDDIAMNFLVTRHTGKPSGIFVKPINMVNLEKET
NGYSGMWHRAEHFLQRSYCINKLVNIYDGMPLKYSNIMISQFGFPYANHKSKM
;
_entity_poly.pdbx_strand_id   A,B
#
loop_
_chem_comp.id
_chem_comp.type
_chem_comp.name
_chem_comp.formula
EDO non-polymer 1,2-ETHANEDIOL 'C2 H6 O2'
MN non-polymer 'MANGANESE (II) ION' 'Mn 2'
UD1 non-polymer URIDINE-DIPHOSPHATE-N-ACETYLGLUCOSAMINE 'C17 H27 N3 O17 P2'
#
# COMPACT_ATOMS: atom_id res chain seq x y z
N ALA A 26 -21.03 2.20 16.83
CA ALA A 26 -20.27 3.24 16.06
C ALA A 26 -18.79 2.92 16.07
N LEU A 27 -18.43 1.84 16.76
CA LEU A 27 -17.04 1.41 16.87
C LEU A 27 -16.62 0.63 15.63
N ASP A 28 -15.54 1.06 14.99
CA ASP A 28 -15.04 0.38 13.79
C ASP A 28 -16.14 0.28 12.75
N SER A 29 -16.94 1.34 12.64
CA SER A 29 -18.01 1.38 11.68
C SER A 29 -17.83 2.64 10.86
N PHE A 30 -18.59 2.77 9.79
CA PHE A 30 -18.49 3.95 8.95
C PHE A 30 -19.88 4.44 8.59
N THR A 31 -19.96 5.72 8.27
CA THR A 31 -21.24 6.31 7.89
C THR A 31 -21.23 6.63 6.40
N LEU A 32 -22.28 6.20 5.73
CA LEU A 32 -22.43 6.43 4.29
C LEU A 32 -23.14 7.75 4.04
N ILE A 33 -22.49 8.66 3.32
CA ILE A 33 -23.12 9.91 2.99
C ILE A 33 -23.37 9.95 1.49
N MET A 34 -24.64 10.01 1.12
CA MET A 34 -25.02 10.02 -0.30
C MET A 34 -25.89 11.22 -0.63
N GLN A 35 -25.38 12.11 -1.47
CA GLN A 35 -26.12 13.29 -1.89
C GLN A 35 -26.91 12.85 -3.12
N THR A 36 -28.16 13.28 -3.25
CA THR A 36 -28.98 12.87 -4.37
C THR A 36 -29.73 14.03 -5.03
N TYR A 37 -29.83 13.96 -6.35
CA TYR A 37 -30.52 14.99 -7.12
C TYR A 37 -31.08 14.36 -8.40
N ASN A 38 -32.40 14.36 -8.52
CA ASN A 38 -33.08 13.78 -9.68
C ASN A 38 -32.63 12.37 -10.03
N ARG A 39 -32.38 11.56 -9.00
CA ARG A 39 -31.96 10.19 -9.19
C ARG A 39 -32.59 9.36 -8.08
N THR A 40 -33.82 9.70 -7.72
CA THR A 40 -34.51 9.02 -6.63
C THR A 40 -34.65 7.51 -6.83
N ASP A 41 -34.97 7.09 -8.05
CA ASP A 41 -35.12 5.68 -8.32
C ASP A 41 -33.78 4.94 -8.19
N LEU A 42 -32.68 5.62 -8.51
CA LEU A 42 -31.37 4.99 -8.38
C LEU A 42 -30.98 4.93 -6.92
N LEU A 43 -31.33 6.00 -6.19
CA LEU A 43 -31.05 6.11 -4.77
C LEU A 43 -31.58 4.92 -4.00
N LEU A 44 -32.86 4.62 -4.22
CA LEU A 44 -33.52 3.51 -3.54
C LEU A 44 -32.87 2.19 -3.92
N ARG A 45 -32.47 2.08 -5.17
CA ARG A 45 -31.83 0.87 -5.68
C ARG A 45 -30.47 0.71 -4.99
N LEU A 46 -29.73 1.82 -4.88
CA LEU A 46 -28.43 1.77 -4.23
C LEU A 46 -28.57 1.51 -2.74
N LEU A 47 -29.52 2.20 -2.11
CA LEU A 47 -29.77 2.05 -0.67
C LEU A 47 -30.10 0.60 -0.35
N ASN A 48 -30.82 -0.05 -1.24
CA ASN A 48 -31.18 -1.44 -1.01
C ASN A 48 -29.91 -2.31 -0.94
N HIS A 49 -28.87 -1.90 -1.65
CA HIS A 49 -27.60 -2.63 -1.66
C HIS A 49 -26.72 -2.24 -0.49
N TYR A 50 -26.45 -0.94 -0.36
CA TYR A 50 -25.59 -0.44 0.70
C TYR A 50 -26.02 -0.75 2.13
N GLN A 51 -27.32 -0.83 2.37
CA GLN A 51 -27.82 -1.08 3.72
C GLN A 51 -27.33 -2.41 4.27
N ALA A 52 -26.98 -3.33 3.37
CA ALA A 52 -26.55 -4.66 3.78
C ALA A 52 -25.05 -4.84 3.87
N VAL A 53 -24.29 -3.77 3.72
CA VAL A 53 -22.83 -3.88 3.78
C VAL A 53 -22.35 -3.97 5.24
N PRO A 54 -21.36 -4.84 5.50
CA PRO A 54 -20.86 -4.96 6.87
C PRO A 54 -20.16 -3.67 7.34
N SER A 55 -20.15 -3.46 8.65
CA SER A 55 -19.51 -2.28 9.23
C SER A 55 -20.18 -0.96 8.93
N LEU A 56 -21.36 -1.00 8.32
CA LEU A 56 -22.09 0.24 8.03
C LEU A 56 -22.86 0.56 9.32
N HIS A 57 -22.73 1.78 9.80
CA HIS A 57 -23.41 2.18 11.03
C HIS A 57 -24.67 2.98 10.75
N LYS A 58 -24.61 3.83 9.75
CA LYS A 58 -25.76 4.67 9.43
C LYS A 58 -25.64 5.22 8.01
N VAL A 59 -26.75 5.73 7.50
CA VAL A 59 -26.79 6.32 6.17
C VAL A 59 -27.43 7.69 6.25
N ILE A 60 -26.76 8.69 5.66
CA ILE A 60 -27.32 10.03 5.63
C ILE A 60 -27.52 10.41 4.18
N VAL A 61 -28.77 10.60 3.80
CA VAL A 61 -29.10 11.02 2.45
C VAL A 61 -29.14 12.54 2.44
N VAL A 62 -28.38 13.15 1.55
CA VAL A 62 -28.35 14.60 1.43
C VAL A 62 -29.27 14.95 0.27
N TRP A 63 -30.54 15.15 0.62
CA TRP A 63 -31.61 15.44 -0.33
C TRP A 63 -31.49 16.83 -0.92
N ASN A 64 -30.97 16.91 -2.14
CA ASN A 64 -30.79 18.18 -2.82
C ASN A 64 -31.92 18.54 -3.78
N ASN A 65 -33.02 17.80 -3.71
CA ASN A 65 -34.18 18.08 -4.55
C ASN A 65 -35.04 19.09 -3.81
N VAL A 66 -34.65 20.36 -3.90
CA VAL A 66 -35.38 21.43 -3.23
C VAL A 66 -36.87 21.38 -3.54
N GLY A 67 -37.68 21.34 -2.49
CA GLY A 67 -39.12 21.29 -2.66
C GLY A 67 -39.73 19.99 -3.15
N GLU A 68 -39.16 18.86 -2.75
CA GLU A 68 -39.70 17.56 -3.14
C GLU A 68 -39.79 16.67 -1.91
N LYS A 69 -40.81 15.82 -1.85
CA LYS A 69 -40.98 14.92 -0.71
C LYS A 69 -39.96 13.79 -0.79
N GLY A 70 -39.25 13.53 0.32
CA GLY A 70 -38.25 12.48 0.37
C GLY A 70 -38.85 11.09 0.57
N PRO A 71 -38.42 10.10 -0.22
CA PRO A 71 -38.91 8.71 -0.17
C PRO A 71 -38.86 7.99 1.18
N GLU A 72 -38.54 8.72 2.25
CA GLU A 72 -38.48 8.09 3.56
C GLU A 72 -39.71 7.26 3.89
N GLU A 73 -40.88 7.74 3.50
CA GLU A 73 -42.13 7.04 3.77
C GLU A 73 -42.13 5.66 3.13
N LEU A 74 -41.91 5.64 1.83
CA LEU A 74 -41.85 4.41 1.07
C LEU A 74 -40.78 3.50 1.65
N TRP A 75 -39.67 4.10 2.05
CA TRP A 75 -38.56 3.38 2.64
C TRP A 75 -38.97 2.63 3.90
N ASN A 76 -39.60 3.36 4.83
CA ASN A 76 -40.04 2.74 6.08
C ASN A 76 -41.05 1.63 5.85
N SER A 77 -41.98 1.87 4.93
CA SER A 77 -43.00 0.88 4.63
C SER A 77 -42.37 -0.44 4.21
N LEU A 78 -41.18 -0.37 3.63
CA LEU A 78 -40.48 -1.56 3.19
C LEU A 78 -39.44 -2.02 4.20
N GLY A 79 -39.57 -1.54 5.43
CA GLY A 79 -38.65 -1.92 6.48
C GLY A 79 -38.98 -3.34 6.91
N PRO A 80 -38.26 -3.90 7.88
CA PRO A 80 -37.15 -3.25 8.60
C PRO A 80 -35.86 -3.18 7.79
N HIS A 81 -34.95 -2.33 8.24
CA HIS A 81 -33.67 -2.13 7.59
C HIS A 81 -32.57 -2.35 8.61
N PRO A 82 -31.41 -2.85 8.16
CA PRO A 82 -30.25 -3.13 9.00
C PRO A 82 -29.73 -1.94 9.82
N ILE A 83 -29.72 -0.75 9.20
CA ILE A 83 -29.22 0.45 9.86
C ILE A 83 -30.12 1.65 9.63
N PRO A 84 -29.98 2.70 10.46
CA PRO A 84 -30.79 3.92 10.33
C PRO A 84 -30.45 4.72 9.08
N VAL A 85 -31.47 5.20 8.38
CA VAL A 85 -31.26 6.00 7.20
C VAL A 85 -31.89 7.37 7.46
N ILE A 86 -31.05 8.40 7.50
CA ILE A 86 -31.53 9.74 7.78
C ILE A 86 -31.59 10.62 6.54
N PHE A 87 -32.81 11.07 6.21
CA PHE A 87 -32.99 11.93 5.05
C PHE A 87 -32.95 13.37 5.53
N LYS A 88 -32.00 14.13 5.02
CA LYS A 88 -31.86 15.53 5.41
C LYS A 88 -32.14 16.48 4.26
N PRO A 89 -33.38 16.98 4.18
CA PRO A 89 -33.79 17.93 3.12
C PRO A 89 -32.86 19.12 3.10
N GLN A 90 -32.41 19.52 1.92
CA GLN A 90 -31.49 20.65 1.80
C GLN A 90 -32.19 21.90 1.27
N THR A 91 -31.72 23.06 1.73
CA THR A 91 -32.29 24.34 1.31
C THR A 91 -32.02 24.66 -0.16
N ALA A 92 -30.83 24.30 -0.63
CA ALA A 92 -30.47 24.56 -2.01
C ALA A 92 -29.72 23.38 -2.61
N ASN A 93 -29.71 23.31 -3.93
CA ASN A 93 -29.02 22.24 -4.61
C ASN A 93 -27.55 22.64 -4.75
N LYS A 94 -26.79 22.43 -3.68
CA LYS A 94 -25.38 22.75 -3.66
C LYS A 94 -24.51 21.51 -3.54
N MET A 95 -23.55 21.39 -4.45
CA MET A 95 -22.63 20.27 -4.48
C MET A 95 -21.95 20.04 -3.14
N ARG A 96 -21.65 21.13 -2.44
CA ARG A 96 -20.96 21.04 -1.15
C ARG A 96 -21.84 20.67 0.04
N ASN A 97 -23.13 20.44 -0.18
CA ASN A 97 -24.01 20.09 0.93
C ASN A 97 -23.57 18.84 1.67
N ARG A 98 -23.05 17.85 0.94
CA ARG A 98 -22.61 16.61 1.55
C ARG A 98 -21.34 16.79 2.37
N LEU A 99 -20.77 17.99 2.34
CA LEU A 99 -19.55 18.24 3.10
C LEU A 99 -19.80 18.92 4.43
N GLN A 100 -21.06 19.13 4.79
CA GLN A 100 -21.38 19.77 6.06
C GLN A 100 -21.09 18.82 7.21
N VAL A 101 -21.16 19.34 8.42
CA VAL A 101 -20.92 18.52 9.61
C VAL A 101 -22.27 18.10 10.16
N PHE A 102 -22.72 16.89 9.80
CA PHE A 102 -23.99 16.39 10.28
C PHE A 102 -23.82 15.81 11.68
N PRO A 103 -24.56 16.34 12.66
CA PRO A 103 -24.47 15.85 14.04
C PRO A 103 -24.76 14.36 14.15
N GLU A 104 -25.53 13.83 13.20
CA GLU A 104 -25.89 12.41 13.20
C GLU A 104 -24.72 11.47 12.89
N VAL A 105 -23.62 12.00 12.37
CA VAL A 105 -22.46 11.16 12.06
C VAL A 105 -21.74 10.84 13.38
N GLU A 106 -21.75 9.56 13.76
CA GLU A 106 -21.13 9.15 15.00
C GLU A 106 -19.85 8.35 14.78
N THR A 107 -19.40 8.26 13.54
CA THR A 107 -18.21 7.49 13.23
C THR A 107 -17.01 8.33 12.79
N ASN A 108 -15.81 7.79 13.01
CA ASN A 108 -14.58 8.48 12.63
C ASN A 108 -14.43 8.53 11.11
N ALA A 109 -15.01 7.55 10.44
CA ALA A 109 -14.90 7.46 9.00
C ALA A 109 -16.21 7.69 8.31
N VAL A 110 -16.11 8.21 7.09
CA VAL A 110 -17.27 8.48 6.25
C VAL A 110 -17.04 7.81 4.90
N LEU A 111 -18.11 7.23 4.35
CA LEU A 111 -18.07 6.60 3.05
C LEU A 111 -18.90 7.52 2.17
N MET A 112 -18.27 8.14 1.20
CA MET A 112 -18.99 9.05 0.33
C MET A 112 -19.08 8.45 -1.06
N VAL A 113 -20.31 8.25 -1.51
CA VAL A 113 -20.58 7.66 -2.81
C VAL A 113 -21.64 8.46 -3.55
N ASP A 114 -21.42 8.66 -4.84
CA ASP A 114 -22.38 9.38 -5.67
C ASP A 114 -23.59 8.47 -5.86
N ASP A 115 -24.77 9.07 -6.03
CA ASP A 115 -25.99 8.30 -6.19
C ASP A 115 -26.21 7.65 -7.56
N ASP A 116 -25.13 7.18 -8.17
CA ASP A 116 -25.21 6.50 -9.46
C ASP A 116 -24.12 5.43 -9.50
N THR A 117 -23.48 5.21 -8.36
CA THR A 117 -22.40 4.25 -8.24
C THR A 117 -22.71 3.10 -7.30
N LEU A 118 -22.54 1.87 -7.79
CA LEU A 118 -22.78 0.68 -6.99
C LEU A 118 -21.45 -0.04 -6.77
N ILE A 119 -20.88 0.12 -5.57
CA ILE A 119 -19.62 -0.51 -5.20
C ILE A 119 -19.93 -1.78 -4.42
N SER A 120 -19.34 -2.89 -4.82
CA SER A 120 -19.60 -4.15 -4.14
C SER A 120 -19.17 -4.10 -2.68
N ALA A 121 -19.82 -4.91 -1.86
CA ALA A 121 -19.50 -4.97 -0.44
C ALA A 121 -18.06 -5.41 -0.22
N GLN A 122 -17.56 -6.28 -1.09
CA GLN A 122 -16.19 -6.79 -0.98
C GLN A 122 -15.20 -5.64 -1.11
N ASP A 123 -15.46 -4.75 -2.06
CA ASP A 123 -14.59 -3.58 -2.25
C ASP A 123 -14.66 -2.69 -1.02
N LEU A 124 -15.88 -2.40 -0.56
CA LEU A 124 -16.04 -1.54 0.60
C LEU A 124 -15.39 -2.10 1.85
N VAL A 125 -15.62 -3.38 2.14
CA VAL A 125 -15.04 -4.00 3.32
C VAL A 125 -13.52 -3.89 3.30
N PHE A 126 -12.91 -4.23 2.18
CA PHE A 126 -11.47 -4.17 2.06
C PHE A 126 -10.97 -2.73 2.15
N ALA A 127 -11.59 -1.82 1.39
CA ALA A 127 -11.17 -0.43 1.39
C ALA A 127 -11.29 0.19 2.77
N PHE A 128 -12.35 -0.16 3.50
CA PHE A 128 -12.53 0.37 4.85
C PHE A 128 -11.38 -0.08 5.75
N SER A 129 -10.96 -1.33 5.58
CA SER A 129 -9.86 -1.87 6.39
C SER A 129 -8.56 -1.20 6.01
N ILE A 130 -8.50 -0.63 4.81
CA ILE A 130 -7.29 0.09 4.39
C ILE A 130 -7.32 1.49 5.05
N TRP A 131 -8.49 2.11 5.07
CA TRP A 131 -8.67 3.42 5.68
C TRP A 131 -8.27 3.36 7.17
N GLN A 132 -8.67 2.30 7.85
CA GLN A 132 -8.32 2.17 9.27
C GLN A 132 -6.81 2.18 9.51
N GLN A 133 -6.03 1.82 8.49
CA GLN A 133 -4.58 1.81 8.63
C GLN A 133 -3.99 3.14 8.14
N PHE A 134 -4.81 3.95 7.49
CA PHE A 134 -4.41 5.26 6.97
C PHE A 134 -5.62 6.19 7.11
N PRO A 135 -6.13 6.35 8.34
CA PRO A 135 -7.29 7.19 8.63
C PRO A 135 -7.17 8.68 8.29
N ASP A 136 -5.98 9.15 7.97
CA ASP A 136 -5.79 10.56 7.63
C ASP A 136 -5.71 10.81 6.12
N GLN A 137 -5.89 9.76 5.33
CA GLN A 137 -5.84 9.90 3.88
C GLN A 137 -7.18 9.49 3.26
N ILE A 138 -7.40 9.86 2.01
CA ILE A 138 -8.63 9.51 1.31
C ILE A 138 -8.44 8.16 0.61
N ILE A 139 -9.15 7.14 1.06
CA ILE A 139 -9.04 5.82 0.43
C ILE A 139 -10.19 5.66 -0.55
N GLY A 140 -9.88 5.62 -1.83
CA GLY A 140 -10.93 5.53 -2.83
C GLY A 140 -10.60 4.78 -4.10
N PHE A 141 -11.63 4.61 -4.93
CA PHE A 141 -11.50 3.87 -6.18
C PHE A 141 -11.29 4.67 -7.48
N VAL A 142 -11.34 6.00 -7.40
CA VAL A 142 -11.18 6.80 -8.60
C VAL A 142 -10.02 7.77 -8.46
N PRO A 143 -8.87 7.42 -9.05
CA PRO A 143 -7.65 8.21 -9.04
C PRO A 143 -7.55 9.16 -10.22
N ARG A 144 -7.08 10.38 -9.95
CA ARG A 144 -6.91 11.38 -10.99
C ARG A 144 -5.64 12.17 -10.70
N LYS A 145 -5.26 13.05 -11.62
CA LYS A 145 -4.06 13.83 -11.43
C LYS A 145 -4.10 15.20 -12.06
N HIS A 146 -3.03 15.94 -11.82
CA HIS A 146 -2.83 17.25 -12.40
C HIS A 146 -1.50 17.14 -13.16
N VAL A 147 -1.40 17.88 -14.27
CA VAL A 147 -0.18 17.89 -15.05
C VAL A 147 0.14 19.36 -15.32
N SER A 148 1.36 19.62 -15.79
CA SER A 148 1.78 20.98 -16.08
C SER A 148 2.79 21.01 -17.21
N THR A 149 2.43 21.64 -18.32
CA THR A 149 3.35 21.75 -19.45
C THR A 149 3.87 23.19 -19.57
N SER A 150 3.25 24.09 -18.82
CA SER A 150 3.64 25.50 -18.81
C SER A 150 3.80 25.99 -17.37
N SER A 151 5.02 26.39 -17.02
CA SER A 151 5.32 26.86 -15.68
C SER A 151 4.15 27.52 -14.97
N GLY A 152 3.76 26.92 -13.85
CA GLY A 152 2.68 27.47 -13.06
C GLY A 152 1.28 27.22 -13.57
N ILE A 153 1.13 26.68 -14.78
CA ILE A 153 -0.21 26.42 -15.30
C ILE A 153 -0.51 24.93 -15.33
N TYR A 154 -1.49 24.53 -14.55
CA TYR A 154 -1.86 23.13 -14.43
C TYR A 154 -3.10 22.73 -15.21
N SER A 155 -3.19 21.43 -15.48
CA SER A 155 -4.31 20.88 -16.19
C SER A 155 -4.80 19.64 -15.42
N TYR A 156 -6.09 19.36 -15.51
CA TYR A 156 -6.69 18.21 -14.83
C TYR A 156 -6.89 17.04 -15.78
N GLY A 157 -6.67 15.82 -15.30
CA GLY A 157 -6.85 14.67 -16.17
C GLY A 157 -6.61 13.32 -15.52
N GLY A 158 -6.57 12.30 -16.37
CA GLY A 158 -6.35 10.94 -15.90
C GLY A 158 -5.23 10.27 -16.67
N PHE A 159 -5.40 8.98 -16.96
CA PHE A 159 -4.35 8.24 -17.65
C PHE A 159 -4.16 8.56 -19.13
N GLU A 160 -5.00 9.41 -19.69
CA GLU A 160 -4.87 9.80 -21.10
C GLU A 160 -3.77 10.85 -21.22
N LEU A 161 -3.36 11.41 -20.09
CA LEU A 161 -2.29 12.42 -20.06
C LEU A 161 -0.98 11.81 -19.61
N GLN A 162 0.12 12.29 -20.19
CA GLN A 162 1.46 11.80 -19.89
C GLN A 162 1.78 11.84 -18.39
N THR A 163 2.55 10.86 -17.94
CA THR A 163 2.94 10.81 -16.53
C THR A 163 3.75 12.06 -16.17
N PRO A 164 3.54 12.59 -14.96
CA PRO A 164 4.26 13.79 -14.51
C PRO A 164 5.51 13.29 -13.80
N GLY A 165 5.27 12.37 -12.87
CA GLY A 165 6.32 11.77 -12.05
C GLY A 165 7.63 11.44 -12.74
N PRO A 166 8.63 11.04 -11.93
CA PRO A 166 9.98 10.68 -12.37
C PRO A 166 10.06 9.81 -13.63
N GLY A 167 10.05 8.49 -13.44
CA GLY A 167 10.17 7.59 -14.57
C GLY A 167 8.92 6.97 -15.16
N ASN A 168 8.89 5.64 -15.14
CA ASN A 168 7.79 4.86 -15.71
C ASN A 168 6.48 4.88 -14.93
N GLY A 169 5.53 4.09 -15.42
CA GLY A 169 4.22 4.02 -14.79
C GLY A 169 3.53 5.37 -14.87
N ASP A 170 2.49 5.54 -14.07
CA ASP A 170 1.74 6.79 -14.05
C ASP A 170 1.68 7.26 -12.60
N GLN A 171 0.95 8.34 -12.35
CA GLN A 171 0.84 8.88 -11.01
C GLN A 171 -0.53 9.53 -10.87
N TYR A 172 -0.99 9.63 -9.63
CA TYR A 172 -2.25 10.30 -9.37
C TYR A 172 -1.92 11.22 -8.19
N SER A 173 -2.63 12.33 -8.08
CA SER A 173 -2.39 13.28 -7.00
C SER A 173 -3.69 13.54 -6.27
N MET A 174 -4.75 12.90 -6.77
CA MET A 174 -6.08 13.05 -6.20
C MET A 174 -6.85 11.75 -6.28
N VAL A 175 -7.77 11.58 -5.34
CA VAL A 175 -8.66 10.43 -5.27
C VAL A 175 -10.02 11.11 -5.12
N LEU A 176 -10.91 10.93 -6.08
CA LEU A 176 -12.21 11.59 -6.01
C LEU A 176 -13.04 11.13 -4.83
N ILE A 177 -13.66 12.10 -4.15
CA ILE A 177 -14.45 11.80 -2.95
C ILE A 177 -15.78 11.12 -3.18
N GLY A 178 -16.24 11.11 -4.43
CA GLY A 178 -17.51 10.48 -4.76
C GLY A 178 -17.52 8.95 -4.70
N ALA A 179 -16.43 8.37 -4.22
CA ALA A 179 -16.30 6.91 -4.08
C ALA A 179 -15.10 6.69 -3.18
N SER A 180 -15.22 7.11 -1.93
CA SER A 180 -14.09 6.98 -1.02
C SER A 180 -14.46 6.95 0.45
N PHE A 181 -13.45 6.66 1.25
CA PHE A 181 -13.53 6.62 2.70
C PHE A 181 -12.56 7.71 3.15
N PHE A 182 -13.01 8.59 4.04
CA PHE A 182 -12.12 9.60 4.59
C PHE A 182 -12.56 9.96 6.00
N ASN A 183 -11.67 10.61 6.74
CA ASN A 183 -11.95 10.97 8.12
C ASN A 183 -13.04 12.02 8.22
N SER A 184 -13.99 11.80 9.13
CA SER A 184 -15.09 12.74 9.29
C SER A 184 -14.63 14.12 9.76
N LYS A 185 -13.46 14.18 10.38
CA LYS A 185 -12.93 15.45 10.84
C LYS A 185 -12.59 16.36 9.67
N TYR A 186 -12.46 15.79 8.48
CA TYR A 186 -12.15 16.58 7.31
C TYR A 186 -13.36 17.40 6.86
N LEU A 187 -14.53 17.05 7.36
CA LEU A 187 -15.72 17.82 6.99
C LEU A 187 -15.69 19.12 7.79
N GLU A 188 -15.26 19.04 9.04
CA GLU A 188 -15.16 20.23 9.86
C GLU A 188 -14.06 21.10 9.24
N LEU A 189 -12.89 20.50 9.07
CA LEU A 189 -11.74 21.18 8.50
C LEU A 189 -12.11 21.87 7.19
N PHE A 190 -12.97 21.23 6.42
CA PHE A 190 -13.40 21.82 5.16
C PHE A 190 -14.12 23.14 5.40
N GLN A 191 -15.00 23.13 6.40
CA GLN A 191 -15.76 24.32 6.74
C GLN A 191 -14.86 25.49 7.13
N LYS A 192 -13.67 25.19 7.65
CA LYS A 192 -12.74 26.22 8.09
C LYS A 192 -11.78 26.71 7.02
N GLN A 193 -12.00 26.33 5.77
CA GLN A 193 -11.12 26.78 4.71
C GLN A 193 -11.46 28.21 4.32
N PRO A 194 -10.49 28.92 3.70
CA PRO A 194 -10.67 30.31 3.28
C PRO A 194 -11.97 30.55 2.52
N ALA A 195 -12.55 31.73 2.71
CA ALA A 195 -13.80 32.09 2.06
C ALA A 195 -13.72 32.00 0.55
N ALA A 196 -12.54 32.31 -0.01
CA ALA A 196 -12.38 32.24 -1.46
C ALA A 196 -12.58 30.81 -1.96
N VAL A 197 -12.25 29.83 -1.13
CA VAL A 197 -12.43 28.43 -1.52
C VAL A 197 -13.92 28.07 -1.59
N HIS A 198 -14.67 28.44 -0.56
CA HIS A 198 -16.11 28.16 -0.55
C HIS A 198 -16.75 28.91 -1.72
N ALA A 199 -16.35 30.17 -1.90
CA ALA A 199 -16.87 30.97 -2.99
C ALA A 199 -16.66 30.23 -4.31
N LEU A 200 -15.44 29.74 -4.52
CA LEU A 200 -15.10 29.00 -5.74
C LEU A 200 -15.99 27.80 -5.96
N ILE A 201 -16.23 27.02 -4.90
CA ILE A 201 -17.07 25.83 -4.99
C ILE A 201 -18.49 26.18 -5.42
N ASP A 202 -19.08 27.19 -4.77
CA ASP A 202 -20.43 27.60 -5.13
C ASP A 202 -20.46 28.17 -6.53
N GLU A 203 -19.44 28.96 -6.86
CA GLU A 203 -19.32 29.57 -8.17
C GLU A 203 -19.45 28.51 -9.27
N THR A 204 -18.57 27.51 -9.21
CA THR A 204 -18.58 26.45 -10.22
C THR A 204 -19.48 25.26 -9.92
N GLN A 205 -19.95 25.13 -8.69
CA GLN A 205 -20.80 24.00 -8.31
C GLN A 205 -20.07 22.74 -8.78
N ASN A 206 -18.77 22.75 -8.56
CA ASN A 206 -17.90 21.68 -8.99
C ASN A 206 -16.62 21.87 -8.20
N CYS A 207 -15.66 20.97 -8.38
CA CYS A 207 -14.37 21.10 -7.73
C CYS A 207 -14.32 20.88 -6.23
N ASP A 208 -15.42 20.39 -5.66
CA ASP A 208 -15.47 20.13 -4.24
C ASP A 208 -14.45 19.06 -3.87
N ASP A 209 -14.30 18.04 -4.70
CA ASP A 209 -13.33 16.99 -4.39
C ASP A 209 -11.90 17.45 -4.63
N ILE A 210 -11.71 18.35 -5.59
CA ILE A 210 -10.38 18.89 -5.82
C ILE A 210 -10.00 19.66 -4.56
N ALA A 211 -10.99 20.39 -4.04
CA ALA A 211 -10.79 21.18 -2.82
C ALA A 211 -10.47 20.27 -1.63
N MET A 212 -11.22 19.19 -1.48
CA MET A 212 -10.98 18.26 -0.39
C MET A 212 -9.58 17.64 -0.47
N ASN A 213 -9.08 17.45 -1.70
CA ASN A 213 -7.75 16.87 -1.84
C ASN A 213 -6.69 17.90 -1.47
N PHE A 214 -6.89 19.17 -1.88
CA PHE A 214 -5.94 20.22 -1.54
C PHE A 214 -5.84 20.30 -0.02
N LEU A 215 -7.01 20.36 0.61
CA LEU A 215 -7.14 20.44 2.06
C LEU A 215 -6.45 19.31 2.81
N VAL A 216 -6.72 18.06 2.41
CA VAL A 216 -6.14 16.92 3.08
C VAL A 216 -4.62 16.85 3.00
N THR A 217 -4.08 17.02 1.80
CA THR A 217 -2.63 16.96 1.66
C THR A 217 -1.95 18.11 2.40
N ARG A 218 -2.62 19.25 2.50
CA ARG A 218 -2.04 20.37 3.22
C ARG A 218 -1.97 20.03 4.72
N HIS A 219 -2.98 19.33 5.20
CA HIS A 219 -3.03 18.94 6.61
C HIS A 219 -2.05 17.82 6.96
N THR A 220 -1.88 16.85 6.08
CA THR A 220 -0.99 15.74 6.39
C THR A 220 0.43 15.83 5.82
N GLY A 221 0.58 16.51 4.69
CA GLY A 221 1.89 16.61 4.07
C GLY A 221 2.18 15.35 3.26
N LYS A 222 1.19 14.47 3.19
CA LYS A 222 1.30 13.22 2.45
C LYS A 222 0.35 13.27 1.27
N PRO A 223 0.43 12.29 0.36
CA PRO A 223 -0.49 12.30 -0.79
C PRO A 223 -1.90 12.36 -0.20
N SER A 224 -2.76 13.17 -0.80
CA SER A 224 -4.12 13.30 -0.26
C SER A 224 -4.83 11.96 -0.14
N GLY A 225 -4.54 11.06 -1.07
CA GLY A 225 -5.19 9.76 -1.01
C GLY A 225 -4.37 8.55 -1.42
N ILE A 226 -5.00 7.39 -1.33
CA ILE A 226 -4.40 6.12 -1.71
C ILE A 226 -5.42 5.42 -2.59
N PHE A 227 -4.96 4.97 -3.75
CA PHE A 227 -5.82 4.29 -4.69
C PHE A 227 -5.98 2.80 -4.42
N VAL A 228 -7.23 2.40 -4.24
CA VAL A 228 -7.57 1.00 -4.04
C VAL A 228 -8.31 0.57 -5.31
N LYS A 229 -7.71 -0.35 -6.06
CA LYS A 229 -8.32 -0.82 -7.30
C LYS A 229 -9.57 -1.64 -7.01
N PRO A 230 -10.72 -1.22 -7.55
CA PRO A 230 -11.99 -1.93 -7.34
C PRO A 230 -12.10 -3.23 -8.13
N ILE A 231 -12.77 -4.21 -7.55
CA ILE A 231 -12.97 -5.49 -8.19
C ILE A 231 -14.33 -5.47 -8.86
N ASN A 232 -15.28 -4.80 -8.24
CA ASN A 232 -16.62 -4.74 -8.79
C ASN A 232 -17.33 -3.44 -8.41
N MET A 233 -17.08 -2.41 -9.20
CA MET A 233 -17.69 -1.10 -9.01
C MET A 233 -18.34 -0.77 -10.34
N VAL A 234 -19.61 -0.40 -10.28
CA VAL A 234 -20.37 -0.10 -11.49
C VAL A 234 -21.13 1.22 -11.44
N ASN A 235 -21.20 1.90 -12.59
CA ASN A 235 -21.93 3.15 -12.68
C ASN A 235 -23.26 2.84 -13.35
N LEU A 236 -24.36 3.10 -12.64
CA LEU A 236 -25.70 2.84 -13.18
C LEU A 236 -26.28 4.11 -13.81
N GLU A 237 -26.63 4.04 -15.09
CA GLU A 237 -27.22 5.20 -15.77
C GLU A 237 -28.02 4.79 -17.00
N ARG A 249 -22.47 17.95 -19.94
CA ARG A 249 -21.89 19.29 -19.95
C ARG A 249 -20.47 19.25 -20.52
N ALA A 250 -20.24 20.07 -21.55
CA ALA A 250 -18.93 20.13 -22.20
C ALA A 250 -17.85 20.85 -21.39
N GLU A 251 -18.24 21.92 -20.72
CA GLU A 251 -17.30 22.70 -19.92
C GLU A 251 -17.17 22.19 -18.48
N HIS A 252 -17.69 21.01 -18.23
CA HIS A 252 -17.60 20.41 -16.91
C HIS A 252 -16.15 20.05 -16.60
N PHE A 253 -15.44 19.57 -17.62
CA PHE A 253 -14.04 19.19 -17.45
C PHE A 253 -13.18 20.45 -17.43
N LEU A 254 -13.60 21.44 -18.21
CA LEU A 254 -12.88 22.70 -18.29
C LEU A 254 -12.77 23.36 -16.92
N GLN A 255 -13.82 23.26 -16.13
CA GLN A 255 -13.83 23.86 -14.80
C GLN A 255 -12.85 23.17 -13.88
N ARG A 256 -12.62 21.89 -14.15
CA ARG A 256 -11.68 21.10 -13.36
C ARG A 256 -10.31 21.74 -13.33
N SER A 257 -9.74 21.97 -14.51
CA SER A 257 -8.43 22.57 -14.61
C SER A 257 -8.47 24.00 -14.05
N TYR A 258 -9.54 24.72 -14.38
CA TYR A 258 -9.74 26.09 -13.93
C TYR A 258 -9.63 26.17 -12.40
N CYS A 259 -10.27 25.23 -11.71
CA CYS A 259 -10.24 25.20 -10.26
C CYS A 259 -8.89 24.94 -9.64
N ILE A 260 -8.12 24.05 -10.26
CA ILE A 260 -6.81 23.72 -9.74
C ILE A 260 -5.98 25.00 -9.73
N ASN A 261 -6.00 25.73 -10.84
CA ASN A 261 -5.24 26.97 -10.95
C ASN A 261 -5.76 28.02 -9.98
N LYS A 262 -7.07 28.11 -9.80
CA LYS A 262 -7.63 29.07 -8.87
C LYS A 262 -7.21 28.74 -7.45
N LEU A 263 -7.26 27.46 -7.11
CA LEU A 263 -6.90 27.02 -5.76
C LEU A 263 -5.43 27.26 -5.50
N VAL A 264 -4.61 27.15 -6.55
CA VAL A 264 -3.17 27.38 -6.38
C VAL A 264 -2.97 28.85 -6.04
N ASN A 265 -3.76 29.73 -6.66
CA ASN A 265 -3.65 31.17 -6.39
C ASN A 265 -4.10 31.46 -4.97
N ILE A 266 -5.28 30.97 -4.64
CA ILE A 266 -5.86 31.17 -3.32
C ILE A 266 -4.95 30.66 -2.20
N TYR A 267 -4.32 29.51 -2.42
CA TYR A 267 -3.45 28.93 -1.41
C TYR A 267 -1.99 29.35 -1.59
N ASP A 268 -1.71 30.04 -2.69
CA ASP A 268 -0.37 30.48 -3.01
C ASP A 268 0.59 29.30 -3.05
N GLY A 269 0.21 28.26 -3.79
CA GLY A 269 1.04 27.07 -3.93
C GLY A 269 0.28 25.82 -4.35
N MET A 270 0.98 24.93 -5.06
CA MET A 270 0.42 23.65 -5.51
C MET A 270 0.91 22.65 -4.47
N PRO A 271 0.00 22.17 -3.61
CA PRO A 271 0.34 21.21 -2.55
C PRO A 271 0.22 19.73 -2.90
N LEU A 272 -0.60 19.42 -3.92
CA LEU A 272 -0.83 18.03 -4.32
C LEU A 272 0.46 17.26 -4.55
N LYS A 273 0.50 16.05 -4.00
CA LYS A 273 1.67 15.22 -4.14
C LYS A 273 1.31 13.96 -4.91
N TYR A 274 2.23 13.55 -5.78
CA TYR A 274 2.05 12.37 -6.61
C TYR A 274 2.35 11.08 -5.87
N SER A 275 1.66 10.03 -6.29
CA SER A 275 1.83 8.70 -5.73
C SER A 275 1.50 7.70 -6.82
N ASN A 276 2.18 6.56 -6.81
CA ASN A 276 1.91 5.52 -7.79
C ASN A 276 1.61 4.21 -7.09
N ILE A 277 1.13 4.32 -5.86
CA ILE A 277 0.76 3.16 -5.05
C ILE A 277 -0.64 2.69 -5.44
N MET A 278 -0.75 1.44 -5.84
CA MET A 278 -2.05 0.88 -6.20
C MET A 278 -2.26 -0.36 -5.33
N ILE A 279 -3.24 -0.29 -4.43
CA ILE A 279 -3.51 -1.38 -3.53
C ILE A 279 -4.63 -2.32 -3.99
N SER A 280 -4.37 -3.61 -3.89
CA SER A 280 -5.32 -4.65 -4.23
C SER A 280 -5.35 -5.61 -3.04
N GLN A 281 -6.34 -6.47 -2.98
CA GLN A 281 -6.45 -7.41 -1.89
C GLN A 281 -5.67 -8.70 -2.17
N PHE A 282 -4.72 -9.00 -1.30
CA PHE A 282 -3.91 -10.20 -1.41
C PHE A 282 -4.82 -11.42 -1.42
N GLY A 283 -4.80 -12.16 -2.52
CA GLY A 283 -5.62 -13.35 -2.60
C GLY A 283 -7.07 -13.17 -3.00
N PHE A 284 -7.45 -11.94 -3.33
CA PHE A 284 -8.83 -11.69 -3.76
C PHE A 284 -8.84 -10.81 -4.99
N PRO A 285 -9.10 -11.40 -6.17
CA PRO A 285 -9.39 -12.82 -6.43
C PRO A 285 -8.26 -13.78 -6.10
N TYR A 286 -8.62 -15.03 -5.90
CA TYR A 286 -7.69 -16.10 -5.58
C TYR A 286 -6.43 -16.13 -6.46
N ALA A 287 -5.27 -16.29 -5.82
CA ALA A 287 -3.98 -16.35 -6.49
C ALA A 287 -3.61 -15.14 -7.36
N ASN A 288 -4.15 -13.97 -7.02
CA ASN A 288 -3.85 -12.77 -7.81
C ASN A 288 -2.47 -12.20 -7.49
N HIS A 289 -1.74 -12.86 -6.59
CA HIS A 289 -0.40 -12.41 -6.23
C HIS A 289 0.64 -12.92 -7.23
N LYS A 290 0.23 -13.84 -8.09
CA LYS A 290 1.13 -14.39 -9.10
C LYS A 290 0.64 -14.09 -10.50
N SER B 25 24.16 10.24 -3.45
CA SER B 25 24.39 10.30 -1.98
C SER B 25 23.86 9.05 -1.28
N ALA B 26 24.64 8.57 -0.32
CA ALA B 26 24.29 7.38 0.45
C ALA B 26 22.84 7.41 0.98
N LEU B 27 22.26 8.60 1.07
CA LEU B 27 20.90 8.74 1.60
C LEU B 27 19.74 8.28 0.72
N ASP B 28 19.77 8.60 -0.57
CA ASP B 28 18.70 8.20 -1.47
C ASP B 28 19.10 6.91 -2.17
N SER B 29 19.80 6.05 -1.43
CA SER B 29 20.30 4.81 -1.99
C SER B 29 20.14 3.61 -1.06
N PHE B 30 20.53 2.45 -1.58
CA PHE B 30 20.44 1.21 -0.84
C PHE B 30 21.65 0.35 -1.14
N THR B 31 21.97 -0.56 -0.22
CA THR B 31 23.10 -1.45 -0.39
C THR B 31 22.62 -2.88 -0.65
N LEU B 32 23.17 -3.52 -1.67
CA LEU B 32 22.80 -4.89 -1.97
C LEU B 32 23.70 -5.80 -1.15
N ILE B 33 23.09 -6.71 -0.39
CA ILE B 33 23.84 -7.67 0.39
C ILE B 33 23.47 -9.03 -0.15
N MET B 34 24.42 -9.69 -0.81
CA MET B 34 24.19 -11.00 -1.39
C MET B 34 25.12 -12.06 -0.82
N GLN B 35 24.54 -13.07 -0.20
CA GLN B 35 25.31 -14.17 0.38
C GLN B 35 25.41 -15.21 -0.73
N THR B 36 26.56 -15.85 -0.86
CA THR B 36 26.70 -16.83 -1.93
C THR B 36 27.39 -18.09 -1.47
N TYR B 37 26.96 -19.22 -2.05
CA TYR B 37 27.55 -20.51 -1.72
C TYR B 37 27.41 -21.48 -2.88
N ASN B 38 28.54 -21.93 -3.41
CA ASN B 38 28.55 -22.89 -4.51
C ASN B 38 27.78 -22.42 -5.74
N ARG B 39 27.68 -21.11 -5.90
CA ARG B 39 26.96 -20.53 -7.03
C ARG B 39 27.72 -19.38 -7.68
N THR B 40 29.03 -19.37 -7.48
CA THR B 40 29.90 -18.31 -8.02
C THR B 40 29.52 -17.83 -9.41
N ASP B 41 29.24 -18.76 -10.32
CA ASP B 41 28.87 -18.40 -11.67
C ASP B 41 27.51 -17.70 -11.69
N LEU B 42 26.59 -18.20 -10.88
CA LEU B 42 25.26 -17.61 -10.79
C LEU B 42 25.42 -16.23 -10.17
N LEU B 43 26.29 -16.14 -9.16
CA LEU B 43 26.58 -14.89 -8.49
C LEU B 43 27.03 -13.84 -9.48
N LEU B 44 28.09 -14.16 -10.21
CA LEU B 44 28.68 -13.28 -11.20
C LEU B 44 27.68 -12.79 -12.23
N ARG B 45 26.78 -13.69 -12.64
CA ARG B 45 25.77 -13.34 -13.63
C ARG B 45 24.80 -12.32 -13.04
N LEU B 46 24.36 -12.57 -11.81
CA LEU B 46 23.45 -11.67 -11.12
C LEU B 46 24.11 -10.31 -10.90
N LEU B 47 25.38 -10.34 -10.49
CA LEU B 47 26.15 -9.13 -10.25
C LEU B 47 26.14 -8.24 -11.49
N ASN B 48 26.40 -8.84 -12.64
CA ASN B 48 26.40 -8.08 -13.89
C ASN B 48 25.10 -7.31 -14.06
N HIS B 49 24.01 -7.89 -13.57
CA HIS B 49 22.70 -7.25 -13.65
C HIS B 49 22.51 -6.20 -12.56
N TYR B 50 22.61 -6.63 -11.31
CA TYR B 50 22.40 -5.71 -10.19
C TYR B 50 23.27 -4.46 -10.17
N GLN B 51 24.48 -4.56 -10.69
CA GLN B 51 25.39 -3.41 -10.71
C GLN B 51 24.84 -2.20 -11.47
N ALA B 52 23.92 -2.45 -12.40
CA ALA B 52 23.40 -1.37 -13.21
C ALA B 52 22.06 -0.82 -12.76
N VAL B 53 21.57 -1.30 -11.62
CA VAL B 53 20.27 -0.84 -11.12
C VAL B 53 20.37 0.56 -10.49
N PRO B 54 19.40 1.43 -10.77
CA PRO B 54 19.41 2.80 -10.21
C PRO B 54 19.32 2.81 -8.67
N SER B 55 19.94 3.81 -8.05
CA SER B 55 19.94 3.98 -6.60
C SER B 55 20.75 2.97 -5.82
N LEU B 56 21.52 2.14 -6.51
CA LEU B 56 22.36 1.13 -5.85
C LEU B 56 23.63 1.82 -5.40
N HIS B 57 23.87 1.87 -4.10
CA HIS B 57 25.06 2.54 -3.59
C HIS B 57 26.28 1.64 -3.56
N LYS B 58 26.09 0.39 -3.15
CA LYS B 58 27.20 -0.53 -3.04
C LYS B 58 26.70 -1.97 -2.93
N VAL B 59 27.60 -2.92 -3.19
CA VAL B 59 27.26 -4.33 -3.09
C VAL B 59 28.20 -5.04 -2.13
N ILE B 60 27.62 -5.77 -1.18
CA ILE B 60 28.43 -6.52 -0.26
C ILE B 60 28.17 -7.99 -0.51
N VAL B 61 29.20 -8.69 -0.98
CA VAL B 61 29.09 -10.13 -1.26
C VAL B 61 29.54 -10.92 -0.05
N VAL B 62 28.62 -11.63 0.60
CA VAL B 62 28.98 -12.44 1.75
C VAL B 62 29.45 -13.80 1.24
N TRP B 63 30.77 -13.95 1.15
CA TRP B 63 31.40 -15.18 0.65
C TRP B 63 31.41 -16.29 1.70
N ASN B 64 30.52 -17.27 1.52
CA ASN B 64 30.40 -18.38 2.45
C ASN B 64 31.09 -19.65 1.98
N ASN B 65 32.02 -19.50 1.04
CA ASN B 65 32.77 -20.64 0.53
C ASN B 65 34.07 -20.75 1.30
N VAL B 66 33.97 -21.22 2.54
CA VAL B 66 35.12 -21.37 3.43
C VAL B 66 36.29 -22.12 2.79
N GLY B 67 37.38 -21.39 2.54
CA GLY B 67 38.55 -22.01 1.96
C GLY B 67 38.80 -21.73 0.49
N GLU B 68 37.75 -21.34 -0.23
CA GLU B 68 37.89 -21.04 -1.65
C GLU B 68 38.23 -19.57 -1.85
N LYS B 69 38.97 -19.27 -2.93
CA LYS B 69 39.38 -17.91 -3.23
C LYS B 69 38.31 -17.16 -4.03
N GLY B 70 38.02 -15.94 -3.61
CA GLY B 70 37.00 -15.12 -4.25
C GLY B 70 37.26 -14.77 -5.70
N PRO B 71 36.23 -14.34 -6.43
CA PRO B 71 36.29 -13.95 -7.85
C PRO B 71 36.64 -12.47 -8.02
N GLU B 72 36.96 -11.83 -6.92
CA GLU B 72 37.30 -10.41 -6.90
C GLU B 72 38.30 -10.00 -7.97
N GLU B 73 39.33 -10.82 -8.19
CA GLU B 73 40.35 -10.52 -9.19
C GLU B 73 39.69 -10.51 -10.56
N LEU B 74 38.82 -11.49 -10.80
CA LEU B 74 38.11 -11.58 -12.06
C LEU B 74 37.16 -10.40 -12.21
N TRP B 75 36.55 -10.00 -11.11
CA TRP B 75 35.61 -8.88 -11.12
C TRP B 75 36.34 -7.62 -11.58
N ASN B 76 37.43 -7.29 -10.91
CA ASN B 76 38.20 -6.10 -11.25
C ASN B 76 38.76 -6.11 -12.66
N SER B 77 39.13 -7.28 -13.15
CA SER B 77 39.68 -7.39 -14.49
C SER B 77 38.66 -6.95 -15.53
N LEU B 78 37.38 -7.22 -15.26
CA LEU B 78 36.31 -6.85 -16.18
C LEU B 78 35.71 -5.50 -15.82
N GLY B 79 36.43 -4.72 -15.02
CA GLY B 79 35.94 -3.42 -14.64
C GLY B 79 35.97 -2.50 -15.85
N PRO B 80 35.56 -1.22 -15.71
CA PRO B 80 35.07 -0.58 -14.49
C PRO B 80 33.60 -0.89 -14.25
N HIS B 81 33.19 -0.81 -12.98
CA HIS B 81 31.82 -1.08 -12.60
C HIS B 81 31.23 0.19 -12.00
N PRO B 82 29.91 0.34 -12.07
CA PRO B 82 29.19 1.51 -11.54
C PRO B 82 29.36 1.76 -10.04
N ILE B 83 29.41 0.68 -9.26
CA ILE B 83 29.54 0.80 -7.81
C ILE B 83 30.60 -0.12 -7.24
N PRO B 84 31.04 0.15 -6.00
CA PRO B 84 32.06 -0.71 -5.40
C PRO B 84 31.41 -2.02 -4.97
N VAL B 85 32.13 -3.12 -5.14
CA VAL B 85 31.63 -4.41 -4.71
C VAL B 85 32.64 -4.97 -3.71
N ILE B 86 32.20 -5.18 -2.48
CA ILE B 86 33.09 -5.68 -1.44
C ILE B 86 32.85 -7.14 -1.13
N PHE B 87 33.84 -7.98 -1.42
CA PHE B 87 33.73 -9.40 -1.13
C PHE B 87 34.25 -9.63 0.27
N LYS B 88 33.40 -10.14 1.14
CA LYS B 88 33.80 -10.39 2.51
C LYS B 88 33.87 -11.88 2.82
N PRO B 89 35.09 -12.44 2.88
CA PRO B 89 35.31 -13.86 3.18
C PRO B 89 34.69 -14.19 4.54
N GLN B 90 34.04 -15.34 4.63
CA GLN B 90 33.42 -15.70 5.90
C GLN B 90 34.09 -16.88 6.61
N THR B 91 34.16 -16.79 7.93
CA THR B 91 34.76 -17.82 8.77
C THR B 91 34.14 -19.18 8.45
N ALA B 92 32.86 -19.31 8.74
CA ALA B 92 32.12 -20.54 8.50
C ALA B 92 30.91 -20.28 7.61
N ASN B 93 30.44 -21.32 6.93
CA ASN B 93 29.28 -21.20 6.05
C ASN B 93 28.00 -21.19 6.88
N LYS B 94 27.65 -20.01 7.40
CA LYS B 94 26.45 -19.86 8.21
C LYS B 94 25.41 -18.98 7.51
N MET B 95 24.16 -19.44 7.51
CA MET B 95 23.06 -18.68 6.90
C MET B 95 22.99 -17.23 7.41
N ARG B 96 23.25 -17.04 8.69
CA ARG B 96 23.17 -15.70 9.27
C ARG B 96 24.36 -14.77 9.03
N ASN B 97 25.31 -15.21 8.21
CA ASN B 97 26.47 -14.36 7.94
C ASN B 97 26.04 -13.05 7.28
N ARG B 98 25.01 -13.11 6.44
CA ARG B 98 24.54 -11.94 5.74
C ARG B 98 23.77 -11.01 6.66
N LEU B 99 23.53 -11.44 7.89
CA LEU B 99 22.80 -10.61 8.84
C LEU B 99 23.73 -9.88 9.81
N GLN B 100 25.03 -9.92 9.55
CA GLN B 100 26.01 -9.24 10.39
C GLN B 100 25.89 -7.74 10.13
N VAL B 101 26.65 -6.96 10.89
CA VAL B 101 26.64 -5.51 10.70
C VAL B 101 27.96 -5.19 10.00
N PHE B 102 27.88 -5.01 8.68
CA PHE B 102 29.05 -4.71 7.90
C PHE B 102 29.35 -3.23 7.94
N PRO B 103 30.55 -2.86 8.39
CA PRO B 103 30.94 -1.46 8.49
C PRO B 103 30.87 -0.72 7.15
N GLU B 104 30.93 -1.46 6.05
CA GLU B 104 30.87 -0.83 4.74
C GLU B 104 29.46 -0.45 4.28
N VAL B 105 28.45 -0.82 5.06
CA VAL B 105 27.07 -0.47 4.71
C VAL B 105 26.84 0.98 5.14
N GLU B 106 26.71 1.88 4.17
CA GLU B 106 26.52 3.30 4.49
C GLU B 106 25.09 3.79 4.27
N THR B 107 24.23 2.93 3.76
CA THR B 107 22.85 3.33 3.49
C THR B 107 21.90 2.98 4.62
N ASN B 108 20.71 3.56 4.59
CA ASN B 108 19.70 3.25 5.60
C ASN B 108 18.86 2.08 5.12
N ALA B 109 18.97 1.77 3.83
CA ALA B 109 18.23 0.66 3.25
C ALA B 109 19.15 -0.44 2.75
N VAL B 110 18.75 -1.68 3.01
CA VAL B 110 19.50 -2.83 2.54
C VAL B 110 18.62 -3.60 1.56
N LEU B 111 19.21 -4.01 0.45
CA LEU B 111 18.51 -4.82 -0.54
C LEU B 111 19.12 -6.20 -0.39
N MET B 112 18.36 -7.13 0.19
CA MET B 112 18.85 -8.49 0.39
C MET B 112 18.26 -9.45 -0.63
N VAL B 113 19.14 -10.12 -1.37
CA VAL B 113 18.69 -11.04 -2.40
C VAL B 113 19.52 -12.33 -2.44
N ASP B 114 18.85 -13.47 -2.61
CA ASP B 114 19.54 -14.75 -2.70
C ASP B 114 20.28 -14.77 -4.04
N ASP B 115 21.38 -15.53 -4.10
CA ASP B 115 22.17 -15.60 -5.32
C ASP B 115 21.61 -16.54 -6.39
N ASP B 116 20.29 -16.66 -6.42
CA ASP B 116 19.63 -17.48 -7.44
C ASP B 116 18.40 -16.72 -7.93
N THR B 117 18.26 -15.49 -7.47
CA THR B 117 17.12 -14.66 -7.83
C THR B 117 17.46 -13.40 -8.61
N LEU B 118 16.80 -13.25 -9.76
CA LEU B 118 17.00 -12.12 -10.64
C LEU B 118 15.75 -11.23 -10.63
N ILE B 119 15.89 -10.04 -10.05
CA ILE B 119 14.78 -9.10 -9.95
C ILE B 119 15.03 -7.92 -10.88
N SER B 120 14.05 -7.62 -11.74
CA SER B 120 14.19 -6.53 -12.69
C SER B 120 14.41 -5.18 -12.00
N ALA B 121 15.09 -4.28 -12.71
CA ALA B 121 15.39 -2.95 -12.20
C ALA B 121 14.09 -2.22 -11.90
N GLN B 122 13.09 -2.45 -12.75
CA GLN B 122 11.78 -1.83 -12.60
C GLN B 122 11.18 -2.16 -11.23
N ASP B 123 11.21 -3.45 -10.85
CA ASP B 123 10.68 -3.89 -9.57
C ASP B 123 11.47 -3.26 -8.42
N LEU B 124 12.78 -3.30 -8.54
CA LEU B 124 13.65 -2.75 -7.51
C LEU B 124 13.41 -1.25 -7.29
N VAL B 125 13.40 -0.49 -8.37
CA VAL B 125 13.20 0.95 -8.28
C VAL B 125 11.87 1.28 -7.60
N PHE B 126 10.83 0.56 -7.97
CA PHE B 126 9.53 0.78 -7.38
C PHE B 126 9.46 0.32 -5.93
N ALA B 127 9.98 -0.87 -5.66
CA ALA B 127 9.96 -1.40 -4.30
C ALA B 127 10.75 -0.51 -3.35
N PHE B 128 11.90 -0.02 -3.80
CA PHE B 128 12.71 0.87 -2.98
C PHE B 128 11.91 2.12 -2.63
N SER B 129 11.22 2.70 -3.61
CA SER B 129 10.43 3.90 -3.35
C SER B 129 9.33 3.58 -2.34
N ILE B 130 8.85 2.34 -2.32
CA ILE B 130 7.83 1.98 -1.34
C ILE B 130 8.51 1.87 0.03
N TRP B 131 9.70 1.30 0.05
CA TRP B 131 10.42 1.17 1.32
C TRP B 131 10.64 2.57 1.90
N GLN B 132 10.95 3.54 1.05
CA GLN B 132 11.21 4.89 1.51
C GLN B 132 10.03 5.46 2.29
N GLN B 133 8.82 5.01 1.96
CA GLN B 133 7.62 5.49 2.64
C GLN B 133 7.25 4.68 3.87
N PHE B 134 7.80 3.47 3.98
CA PHE B 134 7.57 2.57 5.10
C PHE B 134 8.93 1.96 5.46
N PRO B 135 9.88 2.81 5.88
CA PRO B 135 11.25 2.46 6.26
C PRO B 135 11.43 1.45 7.38
N ASP B 136 10.39 1.27 8.20
CA ASP B 136 10.47 0.34 9.33
C ASP B 136 9.84 -1.02 9.02
N GLN B 137 9.54 -1.27 7.75
CA GLN B 137 8.92 -2.54 7.37
C GLN B 137 9.70 -3.25 6.28
N ILE B 138 9.45 -4.54 6.15
CA ILE B 138 10.14 -5.32 5.14
C ILE B 138 9.34 -5.27 3.85
N ILE B 139 9.92 -4.65 2.83
CA ILE B 139 9.26 -4.52 1.53
C ILE B 139 9.84 -5.61 0.64
N GLY B 140 9.02 -6.59 0.30
CA GLY B 140 9.52 -7.68 -0.52
C GLY B 140 8.53 -8.25 -1.51
N PHE B 141 9.04 -9.17 -2.33
CA PHE B 141 8.27 -9.81 -3.37
C PHE B 141 7.80 -11.24 -3.06
N VAL B 142 8.12 -11.76 -1.89
CA VAL B 142 7.71 -13.13 -1.55
C VAL B 142 6.98 -13.20 -0.22
N PRO B 143 5.64 -13.25 -0.27
CA PRO B 143 4.77 -13.31 0.91
C PRO B 143 4.47 -14.72 1.41
N ARG B 144 4.59 -14.90 2.72
CA ARG B 144 4.33 -16.19 3.34
C ARG B 144 3.54 -15.99 4.62
N LYS B 145 3.14 -17.09 5.25
CA LYS B 145 2.36 -16.96 6.47
C LYS B 145 2.47 -18.15 7.43
N HIS B 146 1.87 -17.94 8.61
CA HIS B 146 1.81 -18.96 9.62
C HIS B 146 0.32 -19.21 9.77
N VAL B 147 -0.06 -20.42 10.16
CA VAL B 147 -1.47 -20.73 10.40
C VAL B 147 -1.50 -21.56 11.67
N SER B 148 -2.67 -21.65 12.29
CA SER B 148 -2.81 -22.43 13.51
C SER B 148 -4.11 -23.23 13.47
N THR B 149 -4.00 -24.55 13.48
CA THR B 149 -5.17 -25.42 13.43
C THR B 149 -5.47 -26.00 14.81
N SER B 150 -4.43 -26.10 15.64
CA SER B 150 -4.59 -26.58 17.00
C SER B 150 -4.00 -25.49 17.88
N SER B 151 -4.82 -24.98 18.79
CA SER B 151 -4.40 -23.91 19.69
C SER B 151 -2.96 -24.01 20.19
N GLY B 152 -2.20 -22.96 19.93
CA GLY B 152 -0.82 -22.91 20.38
C GLY B 152 0.22 -23.48 19.43
N ILE B 153 -0.21 -24.21 18.41
CA ILE B 153 0.74 -24.77 17.46
C ILE B 153 0.61 -24.09 16.10
N TYR B 154 1.75 -23.68 15.54
CA TYR B 154 1.76 -22.98 14.27
C TYR B 154 2.42 -23.78 13.16
N SER B 155 2.00 -23.52 11.93
CA SER B 155 2.56 -24.17 10.76
C SER B 155 2.95 -23.10 9.75
N TYR B 156 3.97 -23.40 8.96
CA TYR B 156 4.45 -22.47 7.96
C TYR B 156 3.90 -22.85 6.58
N GLY B 157 3.64 -21.87 5.74
CA GLY B 157 3.13 -22.16 4.42
C GLY B 157 2.83 -20.94 3.56
N GLY B 158 2.18 -21.19 2.41
CA GLY B 158 1.83 -20.11 1.52
C GLY B 158 0.36 -20.12 1.11
N PHE B 159 0.08 -19.69 -0.12
CA PHE B 159 -1.30 -19.63 -0.59
C PHE B 159 -1.97 -21.01 -0.75
N GLU B 160 -1.21 -22.09 -0.54
CA GLU B 160 -1.78 -23.44 -0.65
C GLU B 160 -2.54 -23.78 0.65
N LEU B 161 -2.28 -23.00 1.70
CA LEU B 161 -2.95 -23.20 2.98
C LEU B 161 -4.11 -22.21 3.11
N GLN B 162 -5.17 -22.64 3.78
CA GLN B 162 -6.36 -21.80 3.98
C GLN B 162 -5.97 -20.46 4.57
N THR B 163 -6.90 -19.51 4.51
CA THR B 163 -6.65 -18.19 5.07
C THR B 163 -6.93 -18.23 6.57
N PRO B 164 -6.10 -17.52 7.35
CA PRO B 164 -6.28 -17.47 8.80
C PRO B 164 -7.25 -16.34 9.17
N GLY B 165 -7.06 -15.19 8.54
CA GLY B 165 -7.91 -14.05 8.82
C GLY B 165 -9.39 -14.38 8.74
N PRO B 166 -10.27 -13.42 9.08
CA PRO B 166 -11.72 -13.56 9.06
C PRO B 166 -12.25 -14.44 7.92
N GLY B 167 -12.21 -13.95 6.68
CA GLY B 167 -12.73 -14.78 5.62
C GLY B 167 -13.02 -14.13 4.29
N ASN B 168 -11.94 -13.83 3.59
CA ASN B 168 -12.02 -13.23 2.27
C ASN B 168 -10.59 -13.06 1.84
N GLY B 169 -10.30 -13.47 0.61
CA GLY B 169 -8.95 -13.39 0.10
C GLY B 169 -8.03 -14.20 0.99
N ASP B 170 -6.75 -13.87 0.97
CA ASP B 170 -5.76 -14.56 1.78
C ASP B 170 -5.02 -13.55 2.66
N GLN B 171 -4.07 -14.04 3.46
CA GLN B 171 -3.30 -13.19 4.35
C GLN B 171 -1.84 -13.63 4.33
N TYR B 172 -0.94 -12.71 4.66
CA TYR B 172 0.47 -13.04 4.76
C TYR B 172 0.96 -12.40 6.05
N SER B 173 1.84 -13.09 6.75
CA SER B 173 2.36 -12.57 8.01
C SER B 173 3.86 -12.35 7.91
N MET B 174 4.47 -12.76 6.80
CA MET B 174 5.91 -12.59 6.62
C MET B 174 6.28 -12.27 5.18
N VAL B 175 7.37 -11.54 5.01
CA VAL B 175 7.90 -11.21 3.70
C VAL B 175 9.35 -11.71 3.80
N LEU B 176 9.66 -12.76 3.06
CA LEU B 176 11.00 -13.34 3.09
C LEU B 176 12.06 -12.31 2.75
N ILE B 177 13.17 -12.33 3.50
CA ILE B 177 14.24 -11.37 3.29
C ILE B 177 15.12 -11.66 2.09
N GLY B 178 14.99 -12.86 1.53
CA GLY B 178 15.79 -13.26 0.38
C GLY B 178 15.52 -12.48 -0.90
N ALA B 179 14.57 -11.55 -0.85
CA ALA B 179 14.24 -10.70 -1.99
C ALA B 179 13.43 -9.55 -1.41
N SER B 180 14.12 -8.64 -0.73
CA SER B 180 13.45 -7.53 -0.08
C SER B 180 14.34 -6.34 0.26
N PHE B 181 13.64 -5.30 0.73
CA PHE B 181 14.26 -4.06 1.18
C PHE B 181 13.92 -3.92 2.66
N PHE B 182 14.91 -3.62 3.48
CA PHE B 182 14.65 -3.42 4.90
C PHE B 182 15.74 -2.56 5.53
N ASN B 183 15.37 -1.89 6.61
CA ASN B 183 16.28 -0.99 7.31
C ASN B 183 17.55 -1.66 7.82
N SER B 184 18.69 -1.01 7.57
CA SER B 184 19.98 -1.55 8.01
C SER B 184 20.06 -1.56 9.53
N LYS B 185 19.20 -0.79 10.18
CA LYS B 185 19.18 -0.74 11.63
C LYS B 185 18.75 -2.11 12.19
N TYR B 186 18.08 -2.91 11.37
CA TYR B 186 17.61 -4.23 11.79
C TYR B 186 18.71 -5.29 11.87
N LEU B 187 19.75 -5.14 11.05
CA LEU B 187 20.84 -6.10 11.09
C LEU B 187 21.60 -5.98 12.41
N GLU B 188 21.61 -4.76 12.96
CA GLU B 188 22.29 -4.50 14.22
C GLU B 188 21.41 -5.00 15.34
N LEU B 189 20.10 -4.80 15.18
CA LEU B 189 19.14 -5.22 16.17
C LEU B 189 19.04 -6.74 16.23
N PHE B 190 19.37 -7.40 15.11
CA PHE B 190 19.33 -8.86 15.07
C PHE B 190 20.45 -9.44 15.91
N GLN B 191 21.57 -8.73 15.97
CA GLN B 191 22.72 -9.18 16.75
C GLN B 191 22.40 -9.13 18.24
N LYS B 192 21.43 -8.31 18.62
CA LYS B 192 21.04 -8.16 20.01
C LYS B 192 19.92 -9.10 20.44
N GLN B 193 19.58 -10.05 19.59
CA GLN B 193 18.51 -10.99 19.91
C GLN B 193 18.98 -12.09 20.84
N PRO B 194 18.05 -12.77 21.52
CA PRO B 194 18.40 -13.86 22.43
C PRO B 194 19.29 -14.89 21.72
N ALA B 195 20.34 -15.34 22.40
CA ALA B 195 21.26 -16.31 21.84
C ALA B 195 20.49 -17.47 21.21
N ALA B 196 19.39 -17.87 21.84
CA ALA B 196 18.58 -18.98 21.35
C ALA B 196 18.20 -18.79 19.88
N VAL B 197 17.91 -17.55 19.49
CA VAL B 197 17.55 -17.25 18.11
C VAL B 197 18.75 -17.54 17.20
N HIS B 198 19.92 -17.05 17.61
CA HIS B 198 21.13 -17.27 16.84
C HIS B 198 21.42 -18.75 16.77
N ALA B 199 21.24 -19.42 17.90
CA ALA B 199 21.47 -20.86 17.98
C ALA B 199 20.51 -21.58 17.05
N LEU B 200 19.23 -21.21 17.13
CA LEU B 200 18.21 -21.81 16.27
C LEU B 200 18.59 -21.73 14.80
N ILE B 201 18.93 -20.52 14.36
CA ILE B 201 19.32 -20.32 12.96
C ILE B 201 20.49 -21.24 12.66
N ASP B 202 21.50 -21.21 13.53
CA ASP B 202 22.67 -22.05 13.34
C ASP B 202 22.34 -23.54 13.36
N GLU B 203 21.39 -23.92 14.22
CA GLU B 203 21.01 -25.33 14.33
C GLU B 203 20.44 -25.85 13.00
N THR B 204 19.48 -25.13 12.45
CA THR B 204 18.83 -25.54 11.21
C THR B 204 19.46 -24.97 9.95
N GLN B 205 20.24 -23.91 10.09
CA GLN B 205 20.86 -23.26 8.93
C GLN B 205 19.67 -22.87 8.06
N ASN B 206 18.64 -22.36 8.72
CA ASN B 206 17.39 -21.98 8.08
C ASN B 206 16.68 -21.02 9.03
N CYS B 207 15.57 -20.46 8.57
CA CYS B 207 14.75 -19.58 9.40
C CYS B 207 15.25 -18.20 9.74
N ASP B 208 16.32 -17.77 9.08
CA ASP B 208 16.84 -16.44 9.33
C ASP B 208 15.75 -15.44 8.95
N ASP B 209 15.11 -15.66 7.81
CA ASP B 209 14.05 -14.75 7.38
C ASP B 209 12.88 -14.74 8.37
N ILE B 210 12.53 -15.90 8.91
CA ILE B 210 11.43 -15.99 9.87
C ILE B 210 11.80 -15.23 11.15
N ALA B 211 13.06 -15.29 11.53
CA ALA B 211 13.53 -14.60 12.73
C ALA B 211 13.48 -13.09 12.50
N MET B 212 13.93 -12.65 11.33
CA MET B 212 13.90 -11.24 10.99
C MET B 212 12.49 -10.69 11.07
N ASN B 213 11.53 -11.45 10.55
CA ASN B 213 10.14 -11.03 10.58
C ASN B 213 9.61 -10.94 12.01
N PHE B 214 10.01 -11.89 12.85
CA PHE B 214 9.60 -11.87 14.26
C PHE B 214 10.15 -10.60 14.91
N LEU B 215 11.45 -10.38 14.69
CA LEU B 215 12.16 -9.23 15.21
C LEU B 215 11.47 -7.92 14.84
N VAL B 216 11.38 -7.65 13.54
CA VAL B 216 10.77 -6.44 13.02
C VAL B 216 9.36 -6.13 13.53
N THR B 217 8.50 -7.14 13.54
CA THR B 217 7.12 -6.92 13.99
C THR B 217 7.08 -6.66 15.50
N ARG B 218 7.99 -7.29 16.26
CA ARG B 218 8.02 -7.07 17.70
C ARG B 218 8.46 -5.64 17.95
N HIS B 219 9.31 -5.12 17.07
CA HIS B 219 9.83 -3.77 17.19
C HIS B 219 8.86 -2.67 16.77
N THR B 220 8.09 -2.90 15.70
CA THR B 220 7.17 -1.88 15.20
C THR B 220 5.73 -1.97 15.65
N GLY B 221 5.28 -3.17 16.02
CA GLY B 221 3.90 -3.33 16.44
C GLY B 221 3.01 -3.39 15.21
N LYS B 222 3.64 -3.46 14.04
CA LYS B 222 2.94 -3.52 12.76
C LYS B 222 3.31 -4.80 12.02
N PRO B 223 2.62 -5.10 10.91
CA PRO B 223 2.98 -6.32 10.18
C PRO B 223 4.46 -6.13 9.84
N SER B 224 5.25 -7.20 9.96
CA SER B 224 6.67 -7.09 9.67
C SER B 224 6.92 -6.58 8.26
N GLY B 225 6.04 -6.90 7.32
CA GLY B 225 6.27 -6.43 5.97
C GLY B 225 5.06 -6.05 5.15
N ILE B 226 5.36 -5.52 3.98
CA ILE B 226 4.36 -5.13 3.01
C ILE B 226 4.75 -5.87 1.74
N PHE B 227 3.78 -6.51 1.11
CA PHE B 227 4.03 -7.25 -0.11
C PHE B 227 3.90 -6.40 -1.36
N VAL B 228 4.94 -6.41 -2.17
CA VAL B 228 4.93 -5.69 -3.43
C VAL B 228 4.97 -6.77 -4.50
N LYS B 229 3.94 -6.82 -5.34
CA LYS B 229 3.85 -7.82 -6.40
C LYS B 229 4.88 -7.55 -7.48
N PRO B 230 5.79 -8.50 -7.71
CA PRO B 230 6.83 -8.31 -8.73
C PRO B 230 6.27 -8.43 -10.14
N ILE B 231 6.84 -7.66 -11.06
CA ILE B 231 6.44 -7.70 -12.46
C ILE B 231 7.39 -8.62 -13.21
N ASN B 232 8.66 -8.60 -12.83
CA ASN B 232 9.65 -9.44 -13.50
C ASN B 232 10.74 -9.93 -12.55
N MET B 233 10.47 -11.05 -11.90
CA MET B 233 11.41 -11.67 -10.98
C MET B 233 11.52 -13.13 -11.40
N VAL B 234 12.74 -13.62 -11.55
CA VAL B 234 12.93 -15.00 -11.96
C VAL B 234 13.99 -15.72 -11.13
N ASN B 235 13.75 -16.98 -10.83
CA ASN B 235 14.70 -17.78 -10.07
C ASN B 235 15.55 -18.54 -11.07
N LEU B 236 16.88 -18.41 -10.96
CA LEU B 236 17.78 -19.08 -11.87
C LEU B 236 18.44 -20.31 -11.26
N GLU B 237 17.88 -20.81 -10.15
CA GLU B 237 18.43 -21.97 -9.45
C GLU B 237 18.98 -23.06 -10.36
N LYS B 238 18.18 -23.49 -11.34
CA LYS B 238 18.60 -24.54 -12.26
C LYS B 238 19.87 -24.16 -13.02
N GLU B 239 19.99 -22.89 -13.37
CA GLU B 239 21.14 -22.37 -14.10
C GLU B 239 22.26 -21.95 -13.15
N ARG B 249 16.35 -30.25 0.43
CA ARG B 249 16.10 -31.22 1.49
C ARG B 249 14.62 -31.23 1.87
N ALA B 250 14.11 -32.41 2.19
CA ALA B 250 12.71 -32.57 2.56
C ALA B 250 12.42 -31.91 3.89
N GLU B 251 13.43 -31.82 4.75
CA GLU B 251 13.25 -31.23 6.06
C GLU B 251 13.33 -29.71 6.06
N HIS B 252 13.72 -29.12 4.93
CA HIS B 252 13.80 -27.67 4.82
C HIS B 252 12.44 -27.07 5.17
N PHE B 253 11.39 -27.65 4.60
CA PHE B 253 10.02 -27.20 4.81
C PHE B 253 9.59 -27.40 6.26
N LEU B 254 9.80 -28.61 6.77
CA LEU B 254 9.43 -28.93 8.13
C LEU B 254 10.18 -28.07 9.13
N GLN B 255 11.45 -27.76 8.85
CA GLN B 255 12.23 -26.92 9.75
C GLN B 255 11.50 -25.60 9.95
N ARG B 256 10.94 -25.09 8.86
CA ARG B 256 10.21 -23.83 8.88
C ARG B 256 9.13 -23.78 9.94
N SER B 257 8.21 -24.75 9.94
CA SER B 257 7.14 -24.76 10.92
C SER B 257 7.71 -24.95 12.34
N TYR B 258 8.76 -25.75 12.42
CA TYR B 258 9.46 -26.04 13.68
C TYR B 258 10.00 -24.73 14.25
N CYS B 259 10.59 -23.92 13.39
CA CYS B 259 11.16 -22.64 13.80
C CYS B 259 10.14 -21.63 14.31
N ILE B 260 8.94 -21.66 13.73
CA ILE B 260 7.91 -20.73 14.17
C ILE B 260 7.53 -21.04 15.60
N ASN B 261 7.39 -22.32 15.92
CA ASN B 261 7.04 -22.72 17.28
C ASN B 261 8.22 -22.49 18.22
N LYS B 262 9.43 -22.80 17.77
CA LYS B 262 10.62 -22.58 18.58
C LYS B 262 10.73 -21.10 18.93
N LEU B 263 10.63 -20.25 17.92
CA LEU B 263 10.71 -18.80 18.12
C LEU B 263 9.62 -18.29 19.03
N VAL B 264 8.44 -18.90 18.94
CA VAL B 264 7.33 -18.49 19.79
C VAL B 264 7.67 -18.74 21.26
N ASN B 265 8.39 -19.82 21.53
CA ASN B 265 8.78 -20.11 22.91
C ASN B 265 9.81 -19.10 23.37
N ILE B 266 10.84 -18.91 22.56
CA ILE B 266 11.90 -17.97 22.88
C ILE B 266 11.32 -16.59 23.17
N TYR B 267 10.30 -16.19 22.42
CA TYR B 267 9.67 -14.89 22.60
C TYR B 267 8.38 -14.98 23.41
N ASP B 268 8.14 -16.15 24.01
CA ASP B 268 6.94 -16.37 24.80
C ASP B 268 5.70 -15.76 24.15
N GLY B 269 5.50 -16.04 22.86
CA GLY B 269 4.36 -15.52 22.14
C GLY B 269 4.52 -15.44 20.62
N MET B 270 3.39 -15.31 19.93
CA MET B 270 3.34 -15.20 18.47
C MET B 270 3.08 -13.73 18.10
N PRO B 271 4.15 -12.98 17.77
CA PRO B 271 4.08 -11.56 17.42
C PRO B 271 3.63 -11.22 15.99
N LEU B 272 3.86 -12.14 15.05
CA LEU B 272 3.50 -11.92 13.65
C LEU B 272 2.08 -11.43 13.44
N LYS B 273 1.93 -10.42 12.58
CA LYS B 273 0.62 -9.85 12.28
C LYS B 273 0.25 -10.07 10.82
N TYR B 274 -1.01 -10.44 10.60
CA TYR B 274 -1.53 -10.68 9.26
C TYR B 274 -1.82 -9.40 8.49
N SER B 275 -1.64 -9.45 7.18
CA SER B 275 -1.91 -8.30 6.30
C SER B 275 -2.33 -8.82 4.95
N ASN B 276 -3.20 -8.09 4.27
CA ASN B 276 -3.66 -8.51 2.96
C ASN B 276 -3.48 -7.38 1.95
N ILE B 277 -2.46 -6.57 2.20
CA ILE B 277 -2.15 -5.47 1.32
C ILE B 277 -1.18 -5.92 0.23
N MET B 278 -1.59 -5.76 -1.01
CA MET B 278 -0.73 -6.11 -2.13
C MET B 278 -0.52 -4.84 -2.93
N ILE B 279 0.73 -4.42 -3.07
CA ILE B 279 1.03 -3.19 -3.79
C ILE B 279 1.60 -3.43 -5.18
N SER B 280 1.02 -2.72 -6.15
CA SER B 280 1.47 -2.78 -7.53
C SER B 280 1.70 -1.34 -7.88
N GLN B 281 2.39 -1.11 -8.99
CA GLN B 281 2.69 0.24 -9.44
C GLN B 281 1.59 0.75 -10.37
N PHE B 282 0.98 1.87 -9.97
CA PHE B 282 -0.07 2.50 -10.77
C PHE B 282 0.44 2.84 -12.16
N GLY B 283 -0.22 2.29 -13.18
CA GLY B 283 0.18 2.58 -14.55
C GLY B 283 1.33 1.74 -15.08
N PHE B 284 1.81 0.79 -14.28
CA PHE B 284 2.90 -0.06 -14.74
C PHE B 284 2.64 -1.52 -14.40
N PRO B 285 2.27 -2.33 -15.40
CA PRO B 285 2.05 -2.02 -16.82
C PRO B 285 1.00 -0.96 -17.07
N TYR B 286 1.05 -0.38 -18.27
CA TYR B 286 0.11 0.66 -18.68
C TYR B 286 -1.35 0.25 -18.49
N ALA B 287 -2.14 1.18 -17.95
CA ALA B 287 -3.57 0.96 -17.72
C ALA B 287 -3.91 -0.23 -16.82
N ASN B 288 -2.97 -0.66 -16.00
CA ASN B 288 -3.23 -1.80 -15.12
C ASN B 288 -4.18 -1.42 -14.00
N HIS B 289 -4.56 -0.15 -13.96
CA HIS B 289 -5.49 0.34 -12.96
C HIS B 289 -6.93 0.04 -13.38
N LYS B 290 -7.11 -0.40 -14.63
CA LYS B 290 -8.45 -0.71 -15.15
C LYS B 290 -8.72 -2.22 -15.23
MN MN C . -21.69 10.47 -11.86
C1' UD1 D . -17.79 13.98 -10.85
C2' UD1 D . -16.68 13.21 -10.11
C3' UD1 D . -17.24 12.81 -8.71
C4' UD1 D . -17.69 14.03 -7.88
C5' UD1 D . -18.52 15.08 -8.68
C6' UD1 D . -18.26 16.45 -8.06
C7' UD1 D . -15.64 12.05 -12.01
C8' UD1 D . -16.02 10.94 -12.98
N2' UD1 D . -16.31 12.00 -10.84
O1' UD1 D . -18.92 13.12 -11.00
O3' UD1 D . -16.23 12.10 -7.99
O4' UD1 D . -18.50 13.57 -6.80
O5' UD1 D . -18.11 15.19 -10.10
O6' UD1 D . -16.91 16.86 -8.17
O7' UD1 D . -14.76 12.90 -12.31
N1 UD1 D . -25.41 16.26 -7.59
C2 UD1 D . -26.24 17.19 -6.90
N3 UD1 D . -26.75 18.21 -7.71
C4 UD1 D . -26.51 18.40 -9.09
C5 UD1 D . -25.65 17.42 -9.73
C6 UD1 D . -25.15 16.41 -8.98
O2 UD1 D . -26.51 17.11 -5.70
O4 UD1 D . -27.03 19.35 -9.66
C1B UD1 D . -24.83 15.14 -6.82
C2B UD1 D . -25.28 13.75 -7.28
O2' UD1 D . -26.56 13.41 -6.78
C3B UD1 D . -24.11 12.89 -6.82
C4B UD1 D . -22.90 13.83 -6.94
O4B UD1 D . -23.43 15.18 -6.93
O3B UD1 D . -24.24 12.44 -5.46
C5B UD1 D . -22.12 13.66 -8.25
O5B UD1 D . -22.96 13.98 -9.37
PA UD1 D . -22.65 13.43 -10.84
O1A UD1 D . -23.71 14.02 -11.69
O2A UD1 D . -22.74 11.96 -10.85
O3A UD1 D . -21.29 13.93 -11.22
PB UD1 D . -20.09 13.33 -12.05
O1B UD1 D . -19.67 14.28 -13.13
O2B UD1 D . -20.37 11.95 -12.51
C1 EDO E . 1.56 6.95 0.95
O1 EDO E . 0.35 7.86 0.69
C2 EDO E . 1.75 6.53 2.43
O2 EDO E . 0.33 6.37 3.07
MN MN F . 16.71 -20.53 -3.75
C1' UD1 G . 14.61 -20.16 1.19
C2' UD1 G . 13.69 -18.91 1.34
C3' UD1 G . 14.57 -17.62 1.42
C4' UD1 G . 15.77 -17.71 2.41
C5' UD1 G . 16.47 -19.10 2.42
C6' UD1 G . 17.23 -19.27 3.73
C7' UD1 G . 11.67 -19.66 0.14
C8' UD1 G . 10.89 -19.52 -1.16
N2' UD1 G . 12.75 -18.84 0.23
O1' UD1 G . 15.31 -20.12 -0.04
O3' UD1 G . 13.76 -16.50 1.78
O4' UD1 G . 16.74 -16.72 2.05
O5' UD1 G . 15.51 -20.20 2.32
O6' UD1 G . 16.38 -19.48 4.83
O7' UD1 G . 11.14 -20.24 1.13
N1 UD1 G . 23.32 -20.22 1.34
C2 UD1 G . 24.52 -20.20 2.10
N3 UD1 G . 24.94 -21.47 2.51
C4 UD1 G . 24.27 -22.70 2.33
C5 UD1 G . 23.02 -22.63 1.59
C6 UD1 G . 22.61 -21.42 1.11
O2 UD1 G . 25.08 -19.16 2.48
O4 UD1 G . 24.76 -23.72 2.78
C1B UD1 G . 22.87 -18.93 0.75
C2B UD1 G . 22.71 -18.92 -0.77
O2' UD1 G . 23.94 -18.73 -1.43
C3B UD1 G . 21.68 -17.81 -0.95
C4B UD1 G . 20.80 -17.94 0.29
O4B UD1 G . 21.60 -18.61 1.30
O3B UD1 G . 22.24 -16.49 -1.03
C5B UD1 G . 19.54 -18.75 0.08
O5B UD1 G . 19.85 -20.11 -0.27
PA UD1 G . 18.84 -20.98 -1.17
O1A UD1 G . 19.53 -22.26 -1.44
O2A UD1 G . 18.59 -20.25 -2.46
O3A UD1 G . 17.60 -21.15 -0.34
PB UD1 G . 16.07 -21.36 -0.66
O1B UD1 G . 15.56 -22.64 -0.09
O2B UD1 G . 15.81 -21.22 -2.12
C1 EDO H . 0.86 -0.33 6.52
O1 EDO H . 2.32 -0.02 6.87
C2 EDO H . 0.52 -1.82 6.38
O2 EDO H . 1.58 -2.66 7.17
#